data_3RTG
#
_entry.id   3RTG
#
_cell.length_a   122.245
_cell.length_b   122.245
_cell.length_c   155.525
_cell.angle_alpha   90.000
_cell.angle_beta   90.000
_cell.angle_gamma   90.000
#
_symmetry.space_group_name_H-M   'I 4 2 2'
#
loop_
_entity.id
_entity.type
_entity.pdbx_description
1 polymer 'Putative uncharacterized protein'
2 polymer 'Unknown peptide, probably from expression host'
3 non-polymer 'POTASSIUM ION'
4 non-polymer 'MAGNESIUM ION'
5 non-polymer 'COENZYME A'
6 non-polymer "ADENOSINE-5'-TRIPHOSPHATE"
7 water water
#
loop_
_entity_poly.entity_id
_entity_poly.type
_entity_poly.pdbx_seq_one_letter_code
_entity_poly.pdbx_strand_id
1 'polypeptide(L)'
;MGSDKIHHHHHHMKEIDELTIKEYGVDSRILMERAGISVVLAMEEELGNLSDYRFLVLCGGGNNGGDGFVVARNLLGVVK
DVLVVFLGKKKTPDCEYNYGLYKKFGGKVVEQFEPSILNEFDVVVDAIFGTGLRGEITGEYAEIINLVNKSGKVVVSVDV
PSGIDSNTGKVLRTAVKADLTVTFGVPKIGHILFPGRDLTGKLKVANIGHPVHLINSINRYVITREMVRSLLPERPRDSH
KGTYGKVLIIAGSRLYSGAPVLSGMGSLKVGTGLVKLAVPFPQNLIATSRFPELISVPIDTEKGFFSLQNLQECLELSKD
VDVVAIGPGLGNNEHVREFVNEFLKTLEKPAVIDADAINVLDTSVLKERKSPAVLTPHPGEMARLVKKTVGDVKYNYELA
EEFAKENDCVLVLKSATTIVTDGEKTLFNITGNTGLSKGGSGDVLTGMIAGFIAQGLSPLEASTVSVYLHGFAAELFEQD
ERGLTASELLRLIPEAIRRLKE
;
A
2 'polypeptide(L)' AAWLFEA B
#
# COMPACT_ATOMS: atom_id res chain seq x y z
N MET A 13 -12.78 6.20 11.97
CA MET A 13 -14.01 5.36 11.93
C MET A 13 -14.72 5.23 13.28
N LYS A 14 -13.97 5.28 14.39
CA LYS A 14 -14.66 5.41 15.67
C LYS A 14 -15.43 6.72 15.58
N GLU A 15 -14.75 7.76 15.07
CA GLU A 15 -15.37 9.05 14.85
C GLU A 15 -16.59 8.87 13.97
N ILE A 16 -16.47 8.04 12.93
CA ILE A 16 -17.52 7.93 11.90
C ILE A 16 -18.77 7.26 12.45
N ASP A 17 -18.59 6.20 13.22
CA ASP A 17 -19.72 5.57 13.90
C ASP A 17 -20.41 6.53 14.90
N GLU A 18 -19.61 7.24 15.71
CA GLU A 18 -20.11 8.12 16.76
C GLU A 18 -20.90 9.25 16.16
N LEU A 19 -20.34 9.87 15.11
CA LEU A 19 -21.01 10.92 14.44
C LEU A 19 -22.31 10.46 13.76
N THR A 20 -22.29 9.30 13.14
CA THR A 20 -23.50 8.78 12.47
C THR A 20 -24.66 8.59 13.48
N ILE A 21 -24.30 8.12 14.67
CA ILE A 21 -25.26 7.91 15.74
C ILE A 21 -25.61 9.25 16.39
N LYS A 22 -24.61 9.96 16.91
CA LYS A 22 -24.85 11.15 17.74
C LYS A 22 -25.32 12.37 16.93
N GLU A 23 -24.80 12.60 15.74
CA GLU A 23 -25.20 13.77 14.95
C GLU A 23 -26.27 13.48 13.91
N TYR A 24 -26.19 12.35 13.23
CA TYR A 24 -27.13 12.05 12.15
C TYR A 24 -28.33 11.35 12.72
N GLY A 25 -28.20 10.72 13.86
CA GLY A 25 -29.38 10.14 14.50
C GLY A 25 -29.71 8.71 14.12
N VAL A 26 -28.77 8.02 13.47
CA VAL A 26 -28.95 6.60 13.20
C VAL A 26 -28.76 5.77 14.47
N ASP A 27 -29.76 4.97 14.83
CA ASP A 27 -29.67 4.13 16.05
C ASP A 27 -28.52 3.15 15.96
N SER A 28 -27.72 3.02 17.06
CA SER A 28 -26.58 2.11 17.10
C SER A 28 -26.99 0.69 16.70
N ARG A 29 -28.18 0.28 17.09
CA ARG A 29 -28.70 -1.02 16.73
C ARG A 29 -28.88 -1.23 15.22
N ILE A 30 -29.21 -0.18 14.49
CA ILE A 30 -29.35 -0.24 13.02
C ILE A 30 -27.98 -0.46 12.39
N LEU A 31 -26.94 0.23 12.88
CA LEU A 31 -25.58 0.06 12.35
C LEU A 31 -25.10 -1.39 12.56
N MET A 32 -25.37 -1.89 13.75
CA MET A 32 -24.90 -3.18 14.14
C MET A 32 -25.64 -4.27 13.32
N GLU A 33 -26.94 -4.10 13.11
CA GLU A 33 -27.70 -5.05 12.29
C GLU A 33 -27.18 -5.09 10.85
N ARG A 34 -26.95 -3.91 10.27
CA ARG A 34 -26.42 -3.80 8.93
C ARG A 34 -25.01 -4.42 8.85
N ALA A 35 -24.17 -4.27 9.90
CA ALA A 35 -22.85 -4.87 9.90
C ALA A 35 -22.97 -6.39 9.84
N GLY A 36 -23.78 -6.95 10.74
CA GLY A 36 -23.94 -8.38 10.74
C GLY A 36 -24.52 -8.97 9.44
N ILE A 37 -25.57 -8.36 8.90
CA ILE A 37 -26.12 -8.93 7.66
C ILE A 37 -25.15 -8.82 6.48
N SER A 38 -24.33 -7.81 6.50
CA SER A 38 -23.30 -7.66 5.48
C SER A 38 -22.29 -8.83 5.53
N VAL A 39 -21.98 -9.32 6.72
CA VAL A 39 -21.12 -10.48 6.89
C VAL A 39 -21.80 -11.71 6.29
N VAL A 40 -23.09 -11.89 6.54
CA VAL A 40 -23.81 -13.02 5.99
C VAL A 40 -23.76 -12.99 4.45
N LEU A 41 -24.10 -11.85 3.87
CA LEU A 41 -24.19 -11.70 2.38
C LEU A 41 -22.81 -11.94 1.79
N ALA A 42 -21.78 -11.48 2.50
CA ALA A 42 -20.41 -11.62 2.02
C ALA A 42 -20.02 -13.10 2.02
N MET A 43 -20.39 -13.83 3.06
CA MET A 43 -20.08 -15.25 3.13
C MET A 43 -20.80 -16.01 2.00
N GLU A 44 -22.05 -15.66 1.78
CA GLU A 44 -22.81 -16.28 0.70
C GLU A 44 -22.15 -16.05 -0.67
N GLU A 45 -21.74 -14.83 -0.94
CA GLU A 45 -20.95 -14.48 -2.13
C GLU A 45 -19.73 -15.41 -2.27
N GLU A 46 -19.01 -15.70 -1.19
CA GLU A 46 -17.83 -16.54 -1.26
C GLU A 46 -18.09 -18.04 -1.16
N LEU A 47 -19.08 -18.46 -0.39
CA LEU A 47 -19.29 -19.88 -0.19
C LEU A 47 -20.37 -20.51 -1.08
N GLY A 48 -21.25 -19.69 -1.67
CA GLY A 48 -22.45 -20.16 -2.32
C GLY A 48 -23.56 -20.28 -1.27
N ASN A 49 -24.52 -21.13 -1.58
CA ASN A 49 -25.56 -21.46 -0.61
C ASN A 49 -24.97 -21.88 0.75
N LEU A 50 -25.49 -21.25 1.81
CA LEU A 50 -24.98 -21.42 3.15
C LEU A 50 -25.62 -22.60 3.88
N SER A 51 -26.68 -23.16 3.31
CA SER A 51 -27.56 -24.00 4.08
C SER A 51 -26.91 -25.33 4.48
N ASP A 52 -25.93 -25.81 3.73
CA ASP A 52 -25.21 -27.02 4.09
C ASP A 52 -24.14 -26.87 5.18
N TYR A 53 -23.73 -25.66 5.52
CA TYR A 53 -22.60 -25.48 6.45
C TYR A 53 -23.02 -25.31 7.92
N ARG A 54 -22.12 -25.70 8.81
CA ARG A 54 -22.27 -25.54 10.23
C ARG A 54 -21.29 -24.42 10.65
N PHE A 55 -21.82 -23.45 11.39
CA PHE A 55 -21.11 -22.21 11.75
C PHE A 55 -20.82 -22.13 13.24
N LEU A 56 -19.54 -21.91 13.57
CA LEU A 56 -19.08 -21.66 14.93
C LEU A 56 -18.75 -20.20 15.01
N VAL A 57 -19.49 -19.50 15.85
CA VAL A 57 -19.35 -18.05 15.94
C VAL A 57 -18.74 -17.73 17.29
N LEU A 58 -17.59 -17.07 17.22
CA LEU A 58 -16.83 -16.74 18.40
C LEU A 58 -17.00 -15.26 18.69
N CYS A 59 -17.65 -14.94 19.81
CA CYS A 59 -18.05 -13.58 20.15
C CYS A 59 -17.36 -13.08 21.40
N GLY A 60 -16.79 -11.89 21.31
CA GLY A 60 -16.30 -11.19 22.48
C GLY A 60 -17.46 -10.38 23.07
N GLY A 61 -17.12 -9.66 24.13
CA GLY A 61 -18.04 -8.82 24.86
C GLY A 61 -18.23 -7.41 24.31
N GLY A 62 -17.46 -7.04 23.28
CA GLY A 62 -17.58 -5.74 22.67
C GLY A 62 -18.56 -5.68 21.50
N ASN A 63 -18.51 -4.59 20.79
CA ASN A 63 -19.40 -4.40 19.65
C ASN A 63 -19.06 -5.34 18.49
N ASN A 64 -17.79 -5.78 18.40
CA ASN A 64 -17.42 -6.77 17.43
C ASN A 64 -18.18 -8.06 17.70
N GLY A 65 -18.18 -8.49 18.97
CA GLY A 65 -18.93 -9.66 19.33
C GLY A 65 -20.42 -9.45 19.14
N GLY A 66 -20.88 -8.21 19.39
CA GLY A 66 -22.29 -7.86 19.08
C GLY A 66 -22.63 -8.11 17.61
N ASP A 67 -21.75 -7.63 16.73
CA ASP A 67 -21.91 -7.90 15.30
C ASP A 67 -22.01 -9.43 15.05
N GLY A 68 -21.19 -10.21 15.77
CA GLY A 68 -21.20 -11.65 15.70
C GLY A 68 -22.54 -12.26 16.12
N PHE A 69 -23.15 -11.74 17.18
CA PHE A 69 -24.48 -12.22 17.56
C PHE A 69 -25.50 -11.94 16.48
N VAL A 70 -25.38 -10.82 15.78
CA VAL A 70 -26.24 -10.52 14.66
C VAL A 70 -26.04 -11.56 13.55
N VAL A 71 -24.76 -11.85 13.22
CA VAL A 71 -24.47 -12.88 12.22
C VAL A 71 -25.15 -14.21 12.63
N ALA A 72 -24.88 -14.64 13.84
CA ALA A 72 -25.37 -15.91 14.32
C ALA A 72 -26.89 -15.98 14.24
N ARG A 73 -27.55 -14.92 14.69
CA ARG A 73 -29.00 -14.90 14.72
C ARG A 73 -29.58 -15.03 13.32
N ASN A 74 -28.99 -14.34 12.36
CA ASN A 74 -29.45 -14.35 10.97
C ASN A 74 -29.19 -15.67 10.22
N LEU A 75 -28.35 -16.53 10.81
CA LEU A 75 -28.13 -17.87 10.24
C LEU A 75 -29.12 -18.88 10.81
N LEU A 76 -29.75 -18.57 11.95
CA LEU A 76 -30.66 -19.51 12.59
C LEU A 76 -31.78 -19.93 11.63
N GLY A 77 -31.99 -21.24 11.55
CA GLY A 77 -33.03 -21.79 10.73
C GLY A 77 -32.70 -21.92 9.27
N VAL A 78 -31.62 -21.29 8.81
CA VAL A 78 -31.26 -21.28 7.39
C VAL A 78 -30.07 -22.19 7.06
N VAL A 79 -29.22 -22.46 8.04
CA VAL A 79 -28.05 -23.28 7.84
C VAL A 79 -28.12 -24.54 8.71
N LYS A 80 -27.17 -25.43 8.50
CA LYS A 80 -27.17 -26.73 9.12
C LYS A 80 -27.05 -26.68 10.65
N ASP A 81 -26.23 -25.79 11.19
CA ASP A 81 -26.05 -25.66 12.62
C ASP A 81 -25.30 -24.34 12.87
N VAL A 82 -25.66 -23.69 13.97
CA VAL A 82 -24.96 -22.51 14.48
C VAL A 82 -24.77 -22.70 15.95
N LEU A 83 -23.59 -22.32 16.43
CA LEU A 83 -23.31 -22.28 17.84
C LEU A 83 -22.47 -21.03 18.11
N VAL A 84 -22.77 -20.32 19.18
CA VAL A 84 -21.98 -19.19 19.59
C VAL A 84 -21.18 -19.60 20.82
N VAL A 85 -19.89 -19.31 20.83
CA VAL A 85 -19.10 -19.40 22.05
C VAL A 85 -18.87 -18.00 22.45
N PHE A 86 -19.46 -17.61 23.58
CA PHE A 86 -19.25 -16.30 24.12
C PHE A 86 -18.03 -16.30 25.04
N LEU A 87 -17.06 -15.46 24.70
CA LEU A 87 -15.74 -15.48 25.33
C LEU A 87 -15.45 -14.34 26.26
N GLY A 88 -16.35 -13.37 26.37
CA GLY A 88 -16.13 -12.24 27.27
C GLY A 88 -16.60 -12.40 28.71
N LYS A 89 -16.47 -11.29 29.43
CA LYS A 89 -16.93 -11.15 30.80
C LYS A 89 -18.20 -10.33 30.81
N LYS A 90 -18.19 -9.18 30.16
CA LYS A 90 -19.32 -8.27 30.17
C LYS A 90 -19.66 -7.97 28.74
N LYS A 91 -20.77 -7.30 28.53
CA LYS A 91 -21.21 -6.99 27.18
C LYS A 91 -21.53 -5.52 27.09
N THR A 92 -21.11 -4.91 26.00
CA THR A 92 -21.57 -3.57 25.71
C THR A 92 -23.12 -3.67 25.56
N PRO A 93 -23.81 -2.52 25.62
CA PRO A 93 -25.27 -2.49 25.45
C PRO A 93 -25.75 -3.12 24.13
N ASP A 94 -25.08 -2.83 23.04
CA ASP A 94 -25.50 -3.39 21.74
C ASP A 94 -25.20 -4.87 21.67
N CYS A 95 -24.08 -5.30 22.25
CA CYS A 95 -23.76 -6.71 22.29
C CYS A 95 -24.79 -7.44 23.14
N GLU A 96 -25.17 -6.84 24.28
CA GLU A 96 -26.17 -7.42 25.16
C GLU A 96 -27.55 -7.56 24.48
N TYR A 97 -27.96 -6.50 23.76
CA TYR A 97 -29.18 -6.50 22.98
C TYR A 97 -29.20 -7.64 21.96
N ASN A 98 -28.12 -7.78 21.18
CA ASN A 98 -28.06 -8.80 20.14
C ASN A 98 -27.87 -10.23 20.65
N TYR A 99 -27.22 -10.36 21.81
CA TYR A 99 -27.18 -11.62 22.56
C TYR A 99 -28.57 -12.05 22.95
N GLY A 100 -29.33 -11.11 23.49
CA GLY A 100 -30.70 -11.39 23.87
C GLY A 100 -31.56 -11.78 22.71
N LEU A 101 -31.42 -11.07 21.59
CA LEU A 101 -32.17 -11.52 20.38
C LEU A 101 -31.77 -12.92 19.90
N TYR A 102 -30.46 -13.18 19.86
CA TYR A 102 -29.97 -14.50 19.46
C TYR A 102 -30.64 -15.61 20.31
N LYS A 103 -30.68 -15.42 21.62
CA LYS A 103 -31.32 -16.43 22.50
C LYS A 103 -32.84 -16.50 22.32
N LYS A 104 -33.49 -15.36 22.16
CA LYS A 104 -34.95 -15.31 21.95
C LYS A 104 -35.33 -16.03 20.68
N PHE A 105 -34.49 -15.93 19.63
CA PHE A 105 -34.71 -16.64 18.36
C PHE A 105 -34.38 -18.15 18.46
N GLY A 106 -33.98 -18.67 19.61
CA GLY A 106 -33.66 -20.10 19.74
C GLY A 106 -32.17 -20.45 19.65
N GLY A 107 -31.28 -19.47 19.65
CA GLY A 107 -29.87 -19.77 19.46
C GLY A 107 -29.19 -20.32 20.68
N LYS A 108 -28.25 -21.22 20.45
CA LYS A 108 -27.39 -21.81 21.53
C LYS A 108 -26.06 -21.04 21.74
N VAL A 109 -25.81 -20.65 22.99
CA VAL A 109 -24.57 -19.99 23.42
C VAL A 109 -23.91 -20.91 24.44
N VAL A 110 -22.62 -21.19 24.29
CA VAL A 110 -21.83 -21.75 25.41
C VAL A 110 -20.80 -20.71 25.78
N GLU A 111 -20.32 -20.80 27.02
CA GLU A 111 -19.28 -19.92 27.51
C GLU A 111 -17.95 -20.60 27.76
N GLN A 112 -17.79 -21.82 27.27
CA GLN A 112 -16.53 -22.55 27.42
C GLN A 112 -16.10 -23.03 26.06
N PHE A 113 -14.87 -22.73 25.68
CA PHE A 113 -14.32 -23.20 24.42
C PHE A 113 -13.66 -24.55 24.66
N GLU A 114 -14.14 -25.58 23.98
CA GLU A 114 -13.55 -26.92 24.08
C GLU A 114 -12.90 -27.30 22.73
N PRO A 115 -11.58 -27.58 22.70
CA PRO A 115 -10.84 -27.82 21.42
C PRO A 115 -11.56 -28.73 20.41
N SER A 116 -12.11 -29.84 20.88
CA SER A 116 -12.85 -30.75 20.01
C SER A 116 -14.09 -30.14 19.36
N ILE A 117 -14.55 -28.98 19.85
CA ILE A 117 -15.74 -28.34 19.26
C ILE A 117 -15.49 -27.95 17.80
N LEU A 118 -14.26 -27.55 17.47
CA LEU A 118 -13.89 -27.25 16.06
C LEU A 118 -14.24 -28.40 15.09
N ASN A 119 -14.08 -29.64 15.52
CA ASN A 119 -14.42 -30.83 14.71
C ASN A 119 -15.80 -30.84 14.09
N GLU A 120 -16.78 -30.26 14.77
CA GLU A 120 -18.18 -30.36 14.35
C GLU A 120 -18.68 -29.15 13.56
N PHE A 121 -17.77 -28.32 13.06
CA PHE A 121 -18.16 -27.13 12.32
C PHE A 121 -17.33 -26.93 11.08
N ASP A 122 -17.89 -26.24 10.09
CA ASP A 122 -17.20 -26.01 8.81
C ASP A 122 -16.61 -24.62 8.70
N VAL A 123 -17.31 -23.62 9.23
CA VAL A 123 -16.91 -22.24 9.14
C VAL A 123 -16.82 -21.69 10.55
N VAL A 124 -15.70 -21.03 10.88
CA VAL A 124 -15.53 -20.25 12.08
C VAL A 124 -15.70 -18.76 11.78
N VAL A 125 -16.62 -18.09 12.49
CA VAL A 125 -16.82 -16.67 12.37
C VAL A 125 -16.11 -16.02 13.52
N ASP A 126 -15.09 -15.22 13.24
CA ASP A 126 -14.24 -14.60 14.26
C ASP A 126 -14.76 -13.20 14.60
N ALA A 127 -15.51 -13.10 15.71
CA ALA A 127 -16.06 -11.85 16.18
C ALA A 127 -15.57 -11.63 17.60
N ILE A 128 -14.29 -11.96 17.81
CA ILE A 128 -13.73 -11.84 19.15
C ILE A 128 -13.33 -10.40 19.46
N PHE A 129 -12.35 -9.88 18.73
CA PHE A 129 -11.94 -8.45 18.84
C PHE A 129 -12.00 -7.71 17.51
N GLY A 130 -12.38 -6.44 17.54
CA GLY A 130 -12.34 -5.62 16.33
C GLY A 130 -11.32 -4.53 16.50
N THR A 131 -11.74 -3.30 16.23
CA THR A 131 -10.85 -2.16 16.38
C THR A 131 -10.65 -1.73 17.83
N GLY A 132 -11.35 -2.37 18.78
CA GLY A 132 -11.17 -2.09 20.22
C GLY A 132 -10.02 -2.84 20.90
N LEU A 133 -9.28 -3.66 20.16
CA LEU A 133 -8.18 -4.41 20.79
C LEU A 133 -7.12 -3.43 21.23
N ARG A 134 -6.71 -3.53 22.50
CA ARG A 134 -5.59 -2.76 23.05
C ARG A 134 -4.71 -3.80 23.77
N GLY A 135 -3.45 -3.80 23.40
CA GLY A 135 -2.50 -4.62 24.10
C GLY A 135 -2.45 -6.01 23.55
N GLU A 136 -1.39 -6.69 23.95
CA GLU A 136 -1.10 -8.04 23.57
C GLU A 136 -2.25 -8.91 24.03
N ILE A 137 -2.60 -9.88 23.19
CA ILE A 137 -3.53 -10.94 23.57
C ILE A 137 -2.77 -12.04 24.35
N THR A 138 -3.06 -12.22 25.62
CA THR A 138 -2.56 -13.46 26.23
C THR A 138 -3.71 -14.34 26.66
N GLY A 139 -3.39 -15.32 27.48
CA GLY A 139 -4.40 -16.06 28.20
C GLY A 139 -5.11 -17.01 27.29
N GLU A 140 -6.35 -17.28 27.66
CA GLU A 140 -7.17 -18.22 26.96
C GLU A 140 -7.62 -17.67 25.64
N TYR A 141 -7.60 -16.34 25.45
CA TYR A 141 -7.88 -15.76 24.10
C TYR A 141 -6.85 -16.23 23.09
N ALA A 142 -5.59 -16.16 23.52
CA ALA A 142 -4.48 -16.60 22.68
C ALA A 142 -4.59 -18.09 22.35
N GLU A 143 -4.85 -18.92 23.36
CA GLU A 143 -5.04 -20.38 23.13
C GLU A 143 -6.15 -20.63 22.10
N ILE A 144 -7.28 -19.94 22.25
CA ILE A 144 -8.40 -20.13 21.34
C ILE A 144 -8.05 -19.77 19.88
N ILE A 145 -7.41 -18.62 19.70
CA ILE A 145 -7.02 -18.14 18.37
C ILE A 145 -6.01 -19.11 17.72
N ASN A 146 -5.03 -19.57 18.50
CA ASN A 146 -4.08 -20.56 18.02
C ASN A 146 -4.73 -21.90 17.60
N LEU A 147 -5.72 -22.35 18.36
CA LEU A 147 -6.51 -23.51 17.98
C LEU A 147 -7.29 -23.32 16.67
N VAL A 148 -7.90 -22.16 16.50
CA VAL A 148 -8.62 -21.82 15.29
C VAL A 148 -7.66 -21.81 14.09
N ASN A 149 -6.50 -21.17 14.22
CA ASN A 149 -5.50 -21.18 13.17
C ASN A 149 -4.94 -22.57 12.82
N LYS A 150 -4.93 -23.53 13.74
CA LYS A 150 -4.46 -24.88 13.44
C LYS A 150 -5.57 -25.81 12.95
N SER A 151 -6.80 -25.31 12.85
CA SER A 151 -7.97 -26.17 12.64
C SER A 151 -8.23 -26.49 11.18
N GLY A 152 -7.65 -25.72 10.28
CA GLY A 152 -7.96 -25.77 8.85
C GLY A 152 -9.43 -25.53 8.44
N LYS A 153 -10.23 -24.93 9.31
CA LYS A 153 -11.62 -24.60 8.94
C LYS A 153 -11.57 -23.27 8.18
N VAL A 154 -12.62 -22.98 7.45
CA VAL A 154 -12.82 -21.70 6.78
C VAL A 154 -13.04 -20.63 7.85
N VAL A 155 -12.28 -19.55 7.78
CA VAL A 155 -12.35 -18.48 8.80
C VAL A 155 -12.78 -17.15 8.17
N VAL A 156 -13.86 -16.60 8.74
CA VAL A 156 -14.42 -15.34 8.34
C VAL A 156 -14.29 -14.41 9.54
N SER A 157 -13.53 -13.32 9.37
CA SER A 157 -13.34 -12.32 10.40
C SER A 157 -14.24 -11.12 10.23
N VAL A 158 -14.86 -10.77 11.34
CA VAL A 158 -15.69 -9.60 11.42
C VAL A 158 -14.82 -8.39 11.73
N ASP A 159 -14.85 -7.44 10.79
CA ASP A 159 -14.18 -6.13 10.83
C ASP A 159 -12.65 -6.20 10.63
N VAL A 160 -11.95 -6.89 11.51
CA VAL A 160 -10.51 -7.11 11.36
C VAL A 160 -10.20 -8.44 12.03
N PRO A 161 -9.29 -9.25 11.46
CA PRO A 161 -8.92 -10.50 12.16
C PRO A 161 -8.48 -10.20 13.60
N SER A 162 -9.01 -10.94 14.57
CA SER A 162 -8.76 -10.62 15.99
C SER A 162 -7.30 -10.76 16.32
N GLY A 163 -6.72 -9.77 17.00
CA GLY A 163 -5.30 -9.77 17.20
C GLY A 163 -4.50 -8.82 16.31
N ILE A 164 -5.09 -8.31 15.24
CA ILE A 164 -4.42 -7.27 14.46
C ILE A 164 -4.75 -5.91 15.03
N ASP A 165 -3.73 -5.08 15.25
CA ASP A 165 -3.89 -3.66 15.60
C ASP A 165 -4.33 -2.92 14.33
N SER A 166 -5.53 -2.37 14.38
CA SER A 166 -6.18 -1.89 13.22
C SER A 166 -5.54 -0.58 12.73
N ASN A 167 -4.74 0.06 13.58
CA ASN A 167 -4.00 1.27 13.26
C ASN A 167 -2.66 1.03 12.61
N THR A 168 -2.08 -0.14 12.81
CA THR A 168 -0.75 -0.38 12.32
C THR A 168 -0.57 -1.66 11.47
N GLY A 169 -1.46 -2.64 11.61
CA GLY A 169 -1.26 -3.91 10.94
C GLY A 169 -0.36 -4.89 11.67
N LYS A 170 0.15 -4.49 12.83
CA LYS A 170 0.93 -5.36 13.69
C LYS A 170 0.08 -6.37 14.38
N VAL A 171 0.69 -7.53 14.65
CA VAL A 171 0.06 -8.62 15.37
C VAL A 171 0.27 -8.41 16.89
N LEU A 172 -0.81 -8.42 17.67
CA LEU A 172 -0.71 -8.19 19.10
C LEU A 172 -0.58 -9.54 19.84
N ARG A 173 0.66 -10.06 19.78
CA ARG A 173 1.08 -11.39 20.23
C ARG A 173 0.61 -12.55 19.35
N THR A 174 -0.68 -12.63 19.06
CA THR A 174 -1.16 -13.63 18.08
C THR A 174 -2.42 -13.08 17.47
N ALA A 175 -2.76 -13.57 16.29
CA ALA A 175 -3.92 -13.10 15.56
C ALA A 175 -4.51 -14.19 14.71
N VAL A 176 -5.80 -14.04 14.44
CA VAL A 176 -6.50 -14.97 13.56
C VAL A 176 -6.05 -14.81 12.12
N LYS A 177 -5.81 -15.93 11.43
CA LYS A 177 -5.62 -15.87 10.00
C LYS A 177 -6.96 -16.16 9.31
N ALA A 178 -7.47 -15.18 8.60
CA ALA A 178 -8.82 -15.19 7.98
C ALA A 178 -8.73 -15.55 6.49
N ASP A 179 -9.70 -16.31 5.98
CA ASP A 179 -9.92 -16.48 4.50
C ASP A 179 -10.67 -15.28 3.94
N LEU A 180 -11.54 -14.71 4.75
CA LEU A 180 -12.40 -13.60 4.33
C LEU A 180 -12.56 -12.68 5.52
N THR A 181 -12.35 -11.36 5.31
CA THR A 181 -12.60 -10.34 6.31
C THR A 181 -13.62 -9.38 5.73
N VAL A 182 -14.68 -9.13 6.52
CA VAL A 182 -15.67 -8.15 6.16
C VAL A 182 -15.57 -6.96 7.08
N THR A 183 -15.17 -5.83 6.53
CA THR A 183 -15.04 -4.64 7.36
C THR A 183 -16.08 -3.57 6.96
N PHE A 184 -16.23 -2.56 7.79
CA PHE A 184 -17.40 -1.67 7.64
C PHE A 184 -17.01 -0.24 7.33
N GLY A 185 -17.65 0.34 6.30
CA GLY A 185 -17.43 1.75 5.92
C GLY A 185 -16.20 1.96 5.06
N VAL A 186 -15.04 1.67 5.65
CA VAL A 186 -13.75 1.88 5.01
C VAL A 186 -12.74 0.80 5.45
N PRO A 187 -11.77 0.49 4.59
CA PRO A 187 -10.70 -0.39 5.02
C PRO A 187 -9.92 0.26 6.16
N LYS A 188 -9.35 -0.52 7.01
CA LYS A 188 -8.53 0.03 8.10
C LYS A 188 -7.07 -0.15 7.73
N ILE A 189 -6.21 0.69 8.31
CA ILE A 189 -4.78 0.61 8.01
C ILE A 189 -4.21 -0.79 8.20
N GLY A 190 -4.70 -1.48 9.22
CA GLY A 190 -4.35 -2.84 9.58
C GLY A 190 -4.65 -3.94 8.57
N HIS A 191 -5.57 -3.67 7.64
CA HIS A 191 -5.86 -4.55 6.48
C HIS A 191 -4.85 -4.33 5.34
N ILE A 192 -4.21 -3.15 5.36
CA ILE A 192 -3.44 -2.61 4.25
C ILE A 192 -1.93 -2.82 4.49
N LEU A 193 -1.49 -2.73 5.74
CA LEU A 193 -0.10 -2.92 6.05
C LEU A 193 0.13 -4.33 6.52
N PHE A 194 1.34 -4.84 6.32
CA PHE A 194 1.67 -6.21 6.75
C PHE A 194 2.21 -6.13 8.17
N PRO A 195 2.07 -7.20 8.95
CA PRO A 195 1.50 -8.52 8.61
C PRO A 195 -0.02 -8.59 8.45
N GLY A 196 -0.75 -7.62 9.00
CA GLY A 196 -2.22 -7.64 8.94
C GLY A 196 -2.79 -7.86 7.54
N ARG A 197 -2.14 -7.35 6.52
CA ARG A 197 -2.64 -7.56 5.18
C ARG A 197 -2.69 -9.04 4.84
N ASP A 198 -1.69 -9.78 5.29
CA ASP A 198 -1.64 -11.21 5.03
C ASP A 198 -2.72 -11.97 5.80
N LEU A 199 -3.03 -11.52 6.99
CA LEU A 199 -3.97 -12.24 7.88
C LEU A 199 -5.46 -11.99 7.55
N THR A 200 -5.69 -10.96 6.75
CA THR A 200 -7.01 -10.48 6.36
C THR A 200 -7.61 -11.39 5.32
N GLY A 201 -6.77 -12.05 4.49
CA GLY A 201 -7.28 -12.85 3.39
C GLY A 201 -8.04 -11.91 2.45
N LYS A 202 -9.11 -12.38 1.83
CA LYS A 202 -9.87 -11.55 0.92
C LYS A 202 -10.71 -10.52 1.70
N LEU A 203 -10.61 -9.25 1.32
CA LEU A 203 -11.26 -8.16 2.06
C LEU A 203 -12.46 -7.63 1.31
N LYS A 204 -13.59 -7.58 1.99
CA LYS A 204 -14.74 -6.88 1.50
C LYS A 204 -15.06 -5.73 2.46
N VAL A 205 -15.31 -4.56 1.87
CA VAL A 205 -15.72 -3.37 2.61
C VAL A 205 -17.20 -3.14 2.38
N ALA A 206 -17.99 -3.25 3.45
CA ALA A 206 -19.43 -3.18 3.35
C ALA A 206 -19.92 -1.80 3.73
N ASN A 207 -20.92 -1.34 3.00
CA ASN A 207 -21.63 -0.12 3.31
C ASN A 207 -22.70 -0.48 4.33
N ILE A 208 -22.56 0.09 5.54
CA ILE A 208 -23.55 -0.16 6.60
C ILE A 208 -24.41 1.05 6.96
N GLY A 209 -24.33 2.10 6.17
CA GLY A 209 -25.27 3.21 6.21
C GLY A 209 -24.70 4.51 6.68
N HIS A 210 -23.36 4.59 6.90
CA HIS A 210 -22.75 5.88 7.19
C HIS A 210 -23.01 6.84 6.05
N PRO A 211 -23.16 8.15 6.35
CA PRO A 211 -23.35 9.11 5.27
C PRO A 211 -22.11 9.14 4.39
N VAL A 212 -22.32 9.24 3.09
CA VAL A 212 -21.19 9.15 2.17
C VAL A 212 -20.21 10.31 2.39
N HIS A 213 -20.70 11.45 2.91
CA HIS A 213 -19.84 12.58 3.26
C HIS A 213 -18.81 12.24 4.35
N LEU A 214 -19.22 11.50 5.37
CA LEU A 214 -18.31 11.15 6.43
C LEU A 214 -17.28 10.17 5.88
N ILE A 215 -17.70 9.26 5.03
CA ILE A 215 -16.82 8.21 4.50
C ILE A 215 -15.75 8.86 3.63
N ASN A 216 -16.10 9.96 2.97
CA ASN A 216 -15.15 10.70 2.10
C ASN A 216 -14.33 11.76 2.78
N SER A 217 -14.57 12.00 4.06
CA SER A 217 -13.78 12.97 4.78
C SER A 217 -12.42 12.33 5.17
N ILE A 218 -12.30 11.01 5.04
CA ILE A 218 -11.02 10.30 5.22
C ILE A 218 -9.85 10.98 4.49
N ASN A 219 -8.69 11.11 5.15
CA ASN A 219 -7.50 11.78 4.53
C ASN A 219 -6.40 10.83 4.01
N ARG A 220 -6.59 9.54 4.22
CA ARG A 220 -5.68 8.53 3.78
C ARG A 220 -6.48 7.63 2.83
N TYR A 221 -5.84 7.21 1.73
CA TYR A 221 -6.51 6.52 0.63
C TYR A 221 -5.78 5.26 0.22
N VAL A 222 -6.52 4.29 -0.27
CA VAL A 222 -5.96 3.17 -1.00
C VAL A 222 -5.93 3.56 -2.48
N ILE A 223 -4.82 3.32 -3.16
CA ILE A 223 -4.71 3.68 -4.57
C ILE A 223 -5.49 2.69 -5.41
N THR A 224 -6.49 3.18 -6.12
CA THR A 224 -7.35 2.29 -6.88
C THR A 224 -7.17 2.54 -8.37
N ARG A 225 -7.62 1.54 -9.13
CA ARG A 225 -7.65 1.57 -10.58
C ARG A 225 -8.36 2.82 -11.09
N GLU A 226 -9.46 3.20 -10.45
CA GLU A 226 -10.29 4.32 -10.94
C GLU A 226 -9.54 5.63 -10.69
N MET A 227 -8.93 5.74 -9.53
CA MET A 227 -8.09 6.90 -9.24
C MET A 227 -6.96 7.06 -10.30
N VAL A 228 -6.28 5.96 -10.62
CA VAL A 228 -5.15 6.01 -11.54
C VAL A 228 -5.63 6.31 -12.94
N ARG A 229 -6.74 5.69 -13.36
CA ARG A 229 -7.27 6.02 -14.69
C ARG A 229 -7.63 7.50 -14.78
N SER A 230 -8.11 8.10 -13.71
CA SER A 230 -8.50 9.51 -13.83
C SER A 230 -7.27 10.42 -13.83
N LEU A 231 -6.12 9.95 -13.33
CA LEU A 231 -4.91 10.75 -13.33
C LEU A 231 -4.01 10.60 -14.58
N LEU A 232 -4.16 9.54 -15.33
CA LEU A 232 -3.32 9.32 -16.51
C LEU A 232 -3.37 10.53 -17.44
N PRO A 233 -2.22 11.05 -17.88
CA PRO A 233 -2.38 12.25 -18.72
C PRO A 233 -3.00 11.96 -20.08
N GLU A 234 -3.58 12.99 -20.67
CA GLU A 234 -4.18 12.93 -21.98
C GLU A 234 -3.12 12.86 -23.07
N ARG A 235 -3.45 12.21 -24.20
CA ARG A 235 -2.54 12.18 -25.34
C ARG A 235 -3.20 12.94 -26.50
N PRO A 236 -3.06 14.27 -26.55
CA PRO A 236 -3.69 14.94 -27.69
C PRO A 236 -3.04 14.48 -29.02
N ARG A 237 -3.87 14.30 -30.03
CA ARG A 237 -3.42 13.74 -31.31
C ARG A 237 -2.43 14.61 -32.03
N ASP A 238 -2.58 15.92 -31.94
CA ASP A 238 -1.66 16.81 -32.57
C ASP A 238 -0.44 17.13 -31.68
N SER A 239 0.25 16.15 -31.21
CA SER A 239 1.32 16.34 -30.28
C SER A 239 2.68 16.09 -30.97
N HIS A 240 3.74 16.42 -30.25
CA HIS A 240 5.06 16.03 -30.67
C HIS A 240 5.82 15.65 -29.42
N LYS A 241 7.03 15.16 -29.55
CA LYS A 241 7.71 14.66 -28.38
C LYS A 241 7.81 15.63 -27.17
N GLY A 242 8.06 16.91 -27.46
CA GLY A 242 8.09 17.94 -26.43
C GLY A 242 6.80 18.06 -25.66
N THR A 243 5.65 17.80 -26.29
CA THR A 243 4.38 17.72 -25.57
C THR A 243 4.44 16.82 -24.33
N TYR A 244 5.20 15.73 -24.43
CA TYR A 244 5.21 14.72 -23.40
C TYR A 244 6.40 14.83 -22.49
N GLY A 245 7.09 15.97 -22.54
CA GLY A 245 8.21 16.18 -21.61
C GLY A 245 9.56 15.55 -21.88
N LYS A 246 10.53 16.02 -21.08
CA LYS A 246 11.92 15.65 -21.25
C LYS A 246 12.50 15.43 -19.87
N VAL A 247 13.20 14.32 -19.70
CA VAL A 247 13.77 13.86 -18.44
C VAL A 247 15.27 13.78 -18.63
N LEU A 248 16.03 14.21 -17.62
CA LEU A 248 17.45 13.87 -17.49
C LEU A 248 17.60 12.91 -16.32
N ILE A 249 18.30 11.82 -16.55
CA ILE A 249 18.61 10.91 -15.52
C ILE A 249 20.14 10.94 -15.29
N ILE A 250 20.56 11.29 -14.07
CA ILE A 250 21.95 11.30 -13.67
C ILE A 250 22.15 10.04 -12.85
N ALA A 251 22.95 9.12 -13.36
CA ALA A 251 22.93 7.76 -12.88
C ALA A 251 24.16 7.00 -13.32
N GLY A 252 24.48 5.94 -12.57
CA GLY A 252 25.45 4.94 -13.00
C GLY A 252 26.87 5.35 -12.56
N SER A 253 27.78 4.44 -12.81
CA SER A 253 29.16 4.49 -12.35
C SER A 253 29.83 3.28 -12.94
N ARG A 254 31.14 3.17 -12.74
CA ARG A 254 31.90 2.02 -13.22
C ARG A 254 31.43 0.74 -12.54
N LEU A 255 30.95 0.86 -11.30
CA LEU A 255 30.43 -0.28 -10.56
C LEU A 255 29.06 -0.71 -11.04
N TYR A 256 28.18 0.25 -11.28
CA TYR A 256 26.76 -0.03 -11.53
C TYR A 256 26.36 0.51 -12.87
N SER A 257 26.62 -0.24 -13.93
CA SER A 257 26.37 0.27 -15.27
C SER A 257 24.93 0.06 -15.80
N GLY A 258 24.17 -0.84 -15.17
CA GLY A 258 22.81 -1.13 -15.62
C GLY A 258 21.72 -0.20 -15.15
N ALA A 259 21.86 0.37 -13.96
CA ALA A 259 20.83 1.23 -13.39
C ALA A 259 20.32 2.36 -14.34
N PRO A 260 21.22 3.10 -15.02
CA PRO A 260 20.76 4.16 -15.94
C PRO A 260 19.75 3.67 -16.99
N VAL A 261 20.00 2.49 -17.51
CA VAL A 261 19.27 1.92 -18.59
C VAL A 261 17.86 1.59 -18.14
N LEU A 262 17.73 1.05 -16.93
CA LEU A 262 16.43 0.67 -16.42
C LEU A 262 15.61 1.92 -16.06
N SER A 263 16.25 2.92 -15.49
CA SER A 263 15.56 4.17 -15.17
C SER A 263 15.07 4.90 -16.43
N GLY A 264 15.94 4.98 -17.43
CA GLY A 264 15.61 5.65 -18.71
C GLY A 264 14.43 5.00 -19.43
N MET A 265 14.44 3.69 -19.59
CA MET A 265 13.34 3.02 -20.24
C MET A 265 12.09 3.10 -19.40
N GLY A 266 12.28 3.18 -18.09
CA GLY A 266 11.17 3.42 -17.24
C GLY A 266 10.41 4.68 -17.66
N SER A 267 11.12 5.76 -17.86
CA SER A 267 10.50 7.01 -18.33
C SER A 267 9.88 6.84 -19.72
N LEU A 268 10.55 6.13 -20.63
CA LEU A 268 10.03 6.07 -22.01
C LEU A 268 8.79 5.22 -22.11
N LYS A 269 8.73 4.13 -21.33
CA LYS A 269 7.60 3.19 -21.41
C LYS A 269 6.30 3.80 -20.86
N VAL A 270 6.40 4.87 -20.07
CA VAL A 270 5.19 5.51 -19.55
C VAL A 270 4.77 6.70 -20.44
N GLY A 271 5.45 6.91 -21.55
CA GLY A 271 4.99 7.88 -22.56
C GLY A 271 5.74 9.19 -22.59
N THR A 272 6.90 9.25 -21.93
CA THR A 272 7.68 10.46 -21.93
C THR A 272 8.28 10.68 -23.33
N GLY A 273 8.47 11.92 -23.73
CA GLY A 273 8.90 12.27 -25.09
C GLY A 273 10.39 12.08 -25.34
N LEU A 274 11.19 12.61 -24.44
CA LEU A 274 12.65 12.53 -24.59
C LEU A 274 13.27 12.17 -23.26
N VAL A 275 14.17 11.19 -23.31
CA VAL A 275 14.90 10.79 -22.16
C VAL A 275 16.39 10.80 -22.46
N LYS A 276 17.11 11.52 -21.59
CA LYS A 276 18.53 11.76 -21.69
C LYS A 276 19.19 11.19 -20.41
N LEU A 277 20.22 10.37 -20.55
CA LEU A 277 21.01 9.89 -19.41
C LEU A 277 22.38 10.61 -19.41
N ALA A 278 22.87 10.92 -18.21
CA ALA A 278 24.25 11.31 -17.99
C ALA A 278 24.90 10.21 -17.15
N VAL A 279 25.87 9.56 -17.77
CA VAL A 279 26.48 8.35 -17.27
C VAL A 279 28.00 8.42 -17.55
N PRO A 280 28.82 8.02 -16.57
CA PRO A 280 30.29 8.05 -16.76
C PRO A 280 30.71 7.20 -17.95
N PHE A 281 31.57 7.76 -18.80
CA PHE A 281 32.14 7.06 -19.95
C PHE A 281 33.03 5.95 -19.43
N PRO A 282 33.01 4.76 -20.08
CA PRO A 282 32.23 4.29 -21.23
C PRO A 282 30.94 3.54 -20.84
N GLN A 283 30.54 3.63 -19.57
CA GLN A 283 29.33 2.91 -19.14
C GLN A 283 28.09 3.44 -19.85
N ASN A 284 28.18 4.68 -20.34
CA ASN A 284 27.08 5.29 -21.04
C ASN A 284 26.72 4.52 -22.31
N LEU A 285 27.69 3.85 -22.94
CA LEU A 285 27.46 3.06 -24.17
C LEU A 285 26.64 1.79 -24.00
N ILE A 286 26.60 1.28 -22.77
CA ILE A 286 25.78 0.13 -22.40
C ILE A 286 24.30 0.43 -22.72
N ALA A 287 23.85 1.67 -22.48
CA ALA A 287 22.43 2.01 -22.58
C ALA A 287 21.90 1.94 -24.00
N THR A 288 22.64 2.51 -24.94
CA THR A 288 22.19 2.57 -26.34
C THR A 288 22.42 1.29 -27.10
N SER A 289 23.34 0.44 -26.63
CA SER A 289 23.48 -0.84 -27.20
C SER A 289 22.22 -1.68 -26.90
N ARG A 290 21.57 -1.41 -25.81
CA ARG A 290 20.35 -2.15 -25.44
C ARG A 290 19.09 -1.43 -26.01
N PHE A 291 19.01 -0.11 -25.86
CA PHE A 291 17.84 0.67 -26.26
C PHE A 291 18.29 1.95 -26.96
N PRO A 292 18.44 1.87 -28.29
CA PRO A 292 19.04 2.96 -29.04
C PRO A 292 18.18 4.21 -29.12
N GLU A 293 16.95 4.11 -28.61
CA GLU A 293 16.07 5.26 -28.51
C GLU A 293 16.46 6.16 -27.33
N LEU A 294 17.31 5.68 -26.43
CA LEU A 294 17.81 6.51 -25.33
C LEU A 294 18.93 7.39 -25.83
N ILE A 295 19.06 8.57 -25.25
CA ILE A 295 20.23 9.42 -25.43
C ILE A 295 21.06 9.15 -24.16
N SER A 296 22.32 8.75 -24.34
CA SER A 296 23.17 8.44 -23.21
C SER A 296 24.47 9.26 -23.38
N VAL A 297 24.54 10.37 -22.65
CA VAL A 297 25.63 11.31 -22.76
C VAL A 297 26.84 10.80 -21.98
N PRO A 298 28.01 10.74 -22.61
CA PRO A 298 29.18 10.28 -21.85
C PRO A 298 29.69 11.39 -20.90
N ILE A 299 29.94 11.08 -19.64
CA ILE A 299 30.45 12.07 -18.71
C ILE A 299 31.90 11.61 -18.38
N ASP A 300 32.86 12.53 -18.51
CA ASP A 300 34.28 12.25 -18.25
C ASP A 300 34.48 12.38 -16.77
N THR A 301 34.84 11.28 -16.12
CA THR A 301 35.04 11.27 -14.68
C THR A 301 36.50 10.87 -14.48
N GLU A 302 37.04 11.11 -13.28
CA GLU A 302 38.41 10.72 -12.99
C GLU A 302 38.54 9.23 -12.73
N LYS A 303 37.62 8.66 -11.95
CA LYS A 303 37.73 7.26 -11.49
C LYS A 303 36.45 6.46 -11.66
N GLY A 304 35.53 6.94 -12.50
CA GLY A 304 34.32 6.18 -12.80
C GLY A 304 33.10 6.57 -11.98
N PHE A 305 33.19 7.66 -11.22
CA PHE A 305 32.07 8.14 -10.40
C PHE A 305 31.92 9.64 -10.62
N PHE A 306 30.68 10.12 -10.62
CA PHE A 306 30.45 11.55 -10.62
C PHE A 306 31.17 12.26 -9.43
N SER A 307 31.64 13.48 -9.68
CA SER A 307 32.21 14.31 -8.63
C SER A 307 31.93 15.77 -8.97
N LEU A 308 32.41 16.67 -8.12
CA LEU A 308 32.21 18.09 -8.37
C LEU A 308 32.68 18.54 -9.74
N GLN A 309 33.67 17.88 -10.33
CA GLN A 309 34.12 18.33 -11.64
C GLN A 309 33.03 18.17 -12.74
N ASN A 310 31.99 17.39 -12.45
CA ASN A 310 30.92 17.21 -13.42
C ASN A 310 29.70 18.06 -13.11
N LEU A 311 29.78 18.90 -12.08
CA LEU A 311 28.65 19.72 -11.65
C LEU A 311 28.16 20.61 -12.78
N GLN A 312 29.06 21.35 -13.40
CA GLN A 312 28.65 22.34 -14.38
C GLN A 312 28.02 21.67 -15.61
N GLU A 313 28.61 20.58 -16.06
CA GLU A 313 28.04 19.87 -17.22
C GLU A 313 26.62 19.35 -16.93
N CYS A 314 26.40 18.82 -15.74
CA CYS A 314 25.07 18.27 -15.38
C CYS A 314 24.01 19.38 -15.27
N LEU A 315 24.39 20.53 -14.74
CA LEU A 315 23.52 21.73 -14.74
C LEU A 315 23.17 22.18 -16.13
N GLU A 316 24.15 22.19 -17.03
CA GLU A 316 23.87 22.54 -18.41
C GLU A 316 22.89 21.59 -19.11
N LEU A 317 23.09 20.29 -18.91
CA LEU A 317 22.19 19.25 -19.45
C LEU A 317 20.77 19.38 -18.88
N SER A 318 20.66 19.91 -17.66
CA SER A 318 19.37 20.10 -16.97
C SER A 318 18.55 21.29 -17.49
N LYS A 319 19.19 22.27 -18.11
CA LYS A 319 18.47 23.50 -18.52
C LYS A 319 17.34 23.18 -19.47
N ASP A 320 17.52 22.16 -20.31
CA ASP A 320 16.59 21.85 -21.42
C ASP A 320 15.60 20.69 -21.12
N VAL A 321 15.43 20.31 -19.84
CA VAL A 321 14.53 19.25 -19.47
C VAL A 321 13.53 19.78 -18.45
N ASP A 322 12.53 18.95 -18.21
CA ASP A 322 11.44 19.26 -17.29
C ASP A 322 11.65 18.70 -15.88
N VAL A 323 12.42 17.63 -15.77
CA VAL A 323 12.62 16.95 -14.52
C VAL A 323 13.96 16.26 -14.56
N VAL A 324 14.56 16.13 -13.39
CA VAL A 324 15.81 15.39 -13.29
C VAL A 324 15.63 14.27 -12.29
N ALA A 325 16.06 13.05 -12.64
CA ALA A 325 16.13 11.93 -11.69
C ALA A 325 17.60 11.73 -11.43
N ILE A 326 17.93 11.47 -10.20
CA ILE A 326 19.32 11.27 -9.78
C ILE A 326 19.42 10.16 -8.76
N GLY A 327 20.44 9.29 -8.89
CA GLY A 327 20.80 8.39 -7.80
C GLY A 327 21.07 6.92 -8.10
N PRO A 328 20.28 6.34 -9.00
CA PRO A 328 20.45 4.92 -9.30
C PRO A 328 21.87 4.61 -9.74
N GLY A 329 22.55 3.71 -9.02
CA GLY A 329 23.89 3.26 -9.41
C GLY A 329 25.03 4.29 -9.32
N LEU A 330 24.80 5.40 -8.62
CA LEU A 330 25.86 6.44 -8.53
C LEU A 330 27.07 6.01 -7.71
N GLY A 331 26.87 5.11 -6.75
CA GLY A 331 27.90 4.79 -5.79
C GLY A 331 27.79 5.77 -4.65
N ASN A 332 28.47 5.44 -3.58
CA ASN A 332 28.45 6.31 -2.45
C ASN A 332 29.85 6.41 -1.87
N ASN A 333 30.47 7.55 -2.08
CA ASN A 333 31.75 7.91 -1.54
C ASN A 333 31.62 9.43 -1.43
N GLU A 334 32.63 10.04 -0.85
CA GLU A 334 32.58 11.45 -0.50
C GLU A 334 32.41 12.35 -1.68
N HIS A 335 33.02 11.99 -2.79
CA HIS A 335 32.98 12.83 -3.98
C HIS A 335 31.58 12.80 -4.64
N VAL A 336 30.95 11.63 -4.68
CA VAL A 336 29.53 11.54 -5.04
C VAL A 336 28.64 12.40 -4.12
N ARG A 337 28.84 12.29 -2.81
CA ARG A 337 28.09 13.11 -1.84
C ARG A 337 28.23 14.63 -2.10
N GLU A 338 29.46 15.11 -2.35
CA GLU A 338 29.65 16.54 -2.63
C GLU A 338 28.91 16.95 -3.90
N PHE A 339 29.12 16.16 -4.96
CA PHE A 339 28.36 16.37 -6.21
C PHE A 339 26.84 16.39 -6.00
N VAL A 340 26.29 15.34 -5.45
CA VAL A 340 24.84 15.22 -5.35
C VAL A 340 24.23 16.44 -4.62
N ASN A 341 24.84 16.82 -3.50
CA ASN A 341 24.28 17.88 -2.66
C ASN A 341 24.42 19.28 -3.29
N GLU A 342 25.56 19.58 -3.87
CA GLU A 342 25.72 20.84 -4.59
C GLU A 342 24.81 20.89 -5.84
N PHE A 343 24.69 19.79 -6.56
CA PHE A 343 23.78 19.79 -7.72
C PHE A 343 22.34 20.10 -7.30
N LEU A 344 21.83 19.36 -6.35
CA LEU A 344 20.44 19.53 -5.88
C LEU A 344 20.17 20.90 -5.25
N LYS A 345 21.15 21.48 -4.58
CA LYS A 345 21.01 22.85 -4.05
C LYS A 345 20.88 23.87 -5.20
N THR A 346 21.54 23.61 -6.31
CA THR A 346 21.54 24.56 -7.43
C THR A 346 20.47 24.29 -8.48
N LEU A 347 20.02 23.03 -8.61
CA LEU A 347 19.02 22.69 -9.63
C LEU A 347 17.63 23.28 -9.37
N GLU A 348 17.13 24.09 -10.32
CA GLU A 348 15.79 24.69 -10.23
C GLU A 348 14.80 23.99 -11.19
N LYS A 349 14.69 22.66 -11.00
CA LYS A 349 13.80 21.80 -11.74
C LYS A 349 13.31 20.82 -10.67
N PRO A 350 12.10 20.26 -10.84
CA PRO A 350 11.74 19.08 -10.02
C PRO A 350 12.80 17.99 -10.08
N ALA A 351 13.02 17.32 -8.95
CA ALA A 351 14.00 16.24 -8.84
C ALA A 351 13.34 15.00 -8.29
N VAL A 352 13.70 13.85 -8.83
CA VAL A 352 13.32 12.59 -8.25
C VAL A 352 14.63 11.99 -7.70
N ILE A 353 14.67 11.75 -6.41
CA ILE A 353 15.92 11.42 -5.68
C ILE A 353 15.77 10.00 -5.14
N ASP A 354 16.68 9.14 -5.57
CA ASP A 354 16.62 7.69 -5.36
C ASP A 354 17.98 7.14 -4.92
N ALA A 355 17.95 6.02 -4.22
CA ALA A 355 19.09 5.12 -4.10
C ALA A 355 20.31 5.85 -3.54
N ASP A 356 21.43 5.84 -4.24
CA ASP A 356 22.68 6.43 -3.70
C ASP A 356 22.59 7.93 -3.48
N ALA A 357 21.77 8.63 -4.29
CA ALA A 357 21.51 10.06 -4.00
C ALA A 357 20.80 10.26 -2.66
N ILE A 358 19.93 9.30 -2.27
CA ILE A 358 19.35 9.33 -0.92
C ILE A 358 20.45 9.01 0.16
N ASN A 359 21.21 7.93 -0.02
CA ASN A 359 22.32 7.60 0.91
C ASN A 359 23.29 8.75 1.20
N VAL A 360 23.54 9.65 0.24
CA VAL A 360 24.46 10.77 0.51
C VAL A 360 23.78 12.08 0.78
N LEU A 361 22.45 12.11 0.76
CA LEU A 361 21.71 13.36 0.84
C LEU A 361 21.87 14.08 2.16
N ASP A 362 22.12 15.39 2.06
CA ASP A 362 21.97 16.30 3.21
C ASP A 362 20.54 16.88 3.20
N THR A 363 19.70 16.48 4.15
CA THR A 363 18.28 16.90 4.13
C THR A 363 18.07 18.43 4.23
N SER A 364 19.07 19.16 4.72
CA SER A 364 19.04 20.64 4.70
C SER A 364 18.91 21.15 3.28
N VAL A 365 19.50 20.42 2.32
CA VAL A 365 19.33 20.75 0.92
C VAL A 365 17.88 20.79 0.49
N LEU A 366 17.08 19.81 0.94
CA LEU A 366 15.67 19.75 0.56
C LEU A 366 14.92 20.94 1.05
N LYS A 367 15.27 21.41 2.24
CA LYS A 367 14.59 22.53 2.83
C LYS A 367 14.93 23.79 2.09
N GLU A 368 16.13 23.91 1.56
CA GLU A 368 16.46 25.15 0.89
C GLU A 368 16.02 25.20 -0.58
N ARG A 369 15.64 24.06 -1.17
CA ARG A 369 15.24 24.03 -2.58
C ARG A 369 13.93 24.76 -2.79
N LYS A 370 13.85 25.54 -3.86
CA LYS A 370 12.56 26.15 -4.27
C LYS A 370 11.75 25.15 -5.05
N SER A 371 12.41 24.40 -5.93
CA SER A 371 11.72 23.42 -6.75
C SER A 371 11.30 22.17 -5.97
N PRO A 372 10.27 21.45 -6.48
CA PRO A 372 9.76 20.26 -5.77
C PRO A 372 10.70 19.06 -5.83
N ALA A 373 10.44 18.07 -4.99
CA ALA A 373 11.20 16.82 -5.03
C ALA A 373 10.36 15.65 -4.60
N VAL A 374 10.70 14.50 -5.18
CA VAL A 374 10.20 13.21 -4.74
C VAL A 374 11.39 12.37 -4.28
N LEU A 375 11.26 11.79 -3.11
CA LEU A 375 12.25 10.84 -2.57
C LEU A 375 11.66 9.47 -2.56
N THR A 376 12.44 8.48 -3.03
CA THR A 376 11.94 7.10 -3.17
C THR A 376 12.78 6.07 -2.40
N PRO A 377 12.84 6.19 -1.08
CA PRO A 377 13.62 5.24 -0.33
C PRO A 377 12.90 3.91 -0.08
N HIS A 378 13.64 2.80 -0.09
CA HIS A 378 13.22 1.61 0.68
C HIS A 378 13.51 1.86 2.18
N PRO A 379 12.98 1.01 3.08
CA PRO A 379 13.16 1.27 4.54
C PRO A 379 14.61 1.31 5.04
N GLY A 380 15.50 0.57 4.41
CA GLY A 380 16.93 0.72 4.72
C GLY A 380 17.46 2.11 4.44
N GLU A 381 17.11 2.64 3.28
CA GLU A 381 17.49 3.99 2.91
C GLU A 381 16.78 5.04 3.79
N MET A 382 15.51 4.83 4.06
CA MET A 382 14.77 5.68 5.02
C MET A 382 15.39 5.68 6.42
N ALA A 383 15.69 4.51 6.93
CA ALA A 383 16.37 4.39 8.21
C ALA A 383 17.66 5.25 8.26
N ARG A 384 18.52 5.12 7.25
CA ARG A 384 19.78 5.92 7.18
C ARG A 384 19.48 7.40 7.13
N LEU A 385 18.52 7.78 6.30
CA LEU A 385 18.17 9.18 6.13
C LEU A 385 17.64 9.87 7.43
N VAL A 386 16.86 9.21 8.28
CA VAL A 386 16.39 9.83 9.53
C VAL A 386 17.17 9.30 10.77
N LYS A 387 18.19 8.48 10.55
CA LYS A 387 18.99 7.94 11.68
C LYS A 387 18.17 7.15 12.68
N LYS A 388 17.32 6.25 12.16
CA LYS A 388 16.58 5.32 12.98
C LYS A 388 16.81 3.86 12.49
N THR A 389 16.21 2.90 13.17
CA THR A 389 16.33 1.52 12.77
C THR A 389 15.26 1.29 11.69
N VAL A 390 15.48 0.24 10.91
CA VAL A 390 14.55 -0.23 9.91
C VAL A 390 13.21 -0.51 10.59
N GLY A 391 13.21 -1.17 11.75
CA GLY A 391 11.94 -1.47 12.45
C GLY A 391 11.18 -0.22 12.90
N ASP A 392 11.90 0.84 13.19
CA ASP A 392 11.31 2.13 13.52
C ASP A 392 10.58 2.80 12.32
N VAL A 393 11.05 2.59 11.10
CA VAL A 393 10.56 3.34 9.95
C VAL A 393 9.63 2.51 9.07
N LYS A 394 9.78 1.19 9.10
CA LYS A 394 9.02 0.35 8.19
C LYS A 394 7.53 0.47 8.45
N TYR A 395 6.77 0.77 7.39
CA TYR A 395 5.30 0.95 7.52
C TYR A 395 4.92 2.04 8.48
N ASN A 396 5.85 2.94 8.79
CA ASN A 396 5.56 3.99 9.75
C ASN A 396 5.06 5.19 8.96
N TYR A 397 3.78 5.18 8.65
CA TYR A 397 3.20 6.24 7.79
C TYR A 397 3.19 7.59 8.48
N GLU A 398 3.10 7.66 9.82
CA GLU A 398 3.13 8.98 10.50
C GLU A 398 4.49 9.64 10.41
N LEU A 399 5.54 8.83 10.52
CA LEU A 399 6.90 9.32 10.34
C LEU A 399 7.11 9.79 8.91
N ALA A 400 6.65 9.02 7.92
CA ALA A 400 6.73 9.46 6.54
C ALA A 400 5.99 10.81 6.32
N GLU A 401 4.77 10.92 6.82
CA GLU A 401 4.01 12.17 6.75
C GLU A 401 4.79 13.36 7.35
N GLU A 402 5.33 13.18 8.55
CA GLU A 402 6.15 14.21 9.21
C GLU A 402 7.36 14.63 8.38
N PHE A 403 8.08 13.63 7.85
CA PHE A 403 9.23 13.92 7.02
C PHE A 403 8.82 14.69 5.74
N ALA A 404 7.74 14.26 5.06
CA ALA A 404 7.32 14.93 3.84
C ALA A 404 6.96 16.36 4.17
N LYS A 405 6.19 16.55 5.24
CA LYS A 405 5.78 17.88 5.64
C LYS A 405 7.01 18.77 6.02
N GLU A 406 7.91 18.28 6.84
CA GLU A 406 9.09 19.08 7.28
C GLU A 406 10.05 19.44 6.14
N ASN A 407 10.10 18.58 5.12
CA ASN A 407 11.08 18.79 4.07
C ASN A 407 10.44 19.26 2.78
N ASP A 408 9.14 19.54 2.82
CA ASP A 408 8.40 19.99 1.65
C ASP A 408 8.61 19.09 0.45
N CYS A 409 8.46 17.78 0.62
CA CYS A 409 8.66 16.89 -0.49
C CYS A 409 7.54 15.86 -0.55
N VAL A 410 7.53 15.05 -1.59
CA VAL A 410 6.78 13.80 -1.61
C VAL A 410 7.75 12.68 -1.25
N LEU A 411 7.30 11.80 -0.36
CA LEU A 411 8.06 10.68 0.09
C LEU A 411 7.32 9.45 -0.41
N VAL A 412 8.04 8.58 -1.11
CA VAL A 412 7.51 7.30 -1.56
C VAL A 412 8.29 6.29 -0.81
N LEU A 413 7.70 5.72 0.22
CA LEU A 413 8.38 4.68 1.05
C LEU A 413 8.00 3.30 0.55
N LYS A 414 8.95 2.67 -0.13
CA LYS A 414 8.74 1.43 -0.86
C LYS A 414 8.70 0.20 0.10
N SER A 415 7.78 -0.69 -0.15
CA SER A 415 7.70 -2.00 0.48
C SER A 415 6.51 -2.70 -0.19
N ALA A 416 6.12 -3.87 0.31
CA ALA A 416 5.10 -4.62 -0.40
C ALA A 416 3.84 -3.77 -0.48
N THR A 417 3.55 -3.02 0.58
CA THR A 417 2.60 -1.95 0.52
C THR A 417 3.43 -0.67 0.48
N THR A 418 3.27 0.13 -0.56
CA THR A 418 4.04 1.36 -0.66
C THR A 418 3.23 2.53 -0.14
N ILE A 419 3.90 3.42 0.60
CA ILE A 419 3.30 4.60 1.16
C ILE A 419 3.75 5.82 0.37
N VAL A 420 2.80 6.63 -0.08
CA VAL A 420 3.09 7.87 -0.88
C VAL A 420 2.44 9.00 -0.11
N THR A 421 3.20 10.02 0.23
CA THR A 421 2.66 11.10 1.04
C THR A 421 3.37 12.40 0.75
N ASP A 422 2.61 13.49 0.75
CA ASP A 422 3.19 14.83 0.80
C ASP A 422 3.06 15.49 2.18
N GLY A 423 2.65 14.71 3.19
CA GLY A 423 2.39 15.28 4.53
C GLY A 423 0.93 15.70 4.76
N GLU A 424 0.13 15.83 3.72
CA GLU A 424 -1.30 16.18 3.91
C GLU A 424 -2.16 15.05 3.44
N LYS A 425 -1.81 14.47 2.31
CA LYS A 425 -2.51 13.36 1.72
C LYS A 425 -1.51 12.18 1.76
N THR A 426 -1.98 11.02 2.17
CA THR A 426 -1.22 9.77 2.17
C THR A 426 -1.99 8.71 1.46
N LEU A 427 -1.33 8.01 0.54
CA LEU A 427 -1.96 6.95 -0.25
C LEU A 427 -1.17 5.64 -0.06
N PHE A 428 -1.89 4.54 -0.03
CA PHE A 428 -1.29 3.22 0.11
C PHE A 428 -1.48 2.45 -1.19
N ASN A 429 -0.37 1.84 -1.65
CA ASN A 429 -0.42 1.01 -2.85
C ASN A 429 -0.33 -0.48 -2.50
N ILE A 430 -1.25 -1.28 -3.03
CA ILE A 430 -1.28 -2.70 -2.82
C ILE A 430 -1.11 -3.54 -4.10
N THR A 431 -0.71 -2.95 -5.22
CA THR A 431 -0.41 -3.74 -6.40
C THR A 431 0.98 -4.29 -6.31
N GLY A 432 1.30 -5.30 -7.10
CA GLY A 432 2.69 -5.84 -7.10
C GLY A 432 2.76 -7.24 -6.51
N ASN A 433 3.95 -7.83 -6.59
CA ASN A 433 4.20 -9.16 -6.03
C ASN A 433 5.70 -9.30 -5.75
N THR A 434 6.12 -10.50 -5.35
CA THR A 434 7.49 -10.70 -4.88
C THR A 434 8.47 -10.73 -6.05
N GLY A 435 8.00 -10.69 -7.30
CA GLY A 435 8.95 -10.56 -8.40
C GLY A 435 9.69 -9.23 -8.39
N LEU A 436 9.14 -8.25 -7.67
CA LEU A 436 9.73 -6.92 -7.55
C LEU A 436 10.80 -6.87 -6.45
N SER A 437 10.87 -7.92 -5.62
CA SER A 437 11.92 -8.07 -4.61
C SER A 437 13.21 -8.58 -5.29
N LYS A 438 13.73 -7.78 -6.20
CA LYS A 438 14.87 -8.16 -7.00
C LYS A 438 15.52 -6.85 -7.55
N GLY A 439 16.85 -6.83 -7.58
CA GLY A 439 17.57 -5.69 -8.03
C GLY A 439 17.09 -5.17 -9.37
N GLY A 440 16.92 -3.86 -9.47
CA GLY A 440 16.56 -3.25 -10.73
C GLY A 440 15.15 -2.71 -10.70
N SER A 441 14.32 -3.27 -9.82
CA SER A 441 12.90 -2.89 -9.71
C SER A 441 12.72 -1.44 -9.38
N GLY A 442 13.45 -0.97 -8.37
CA GLY A 442 13.38 0.42 -7.93
C GLY A 442 13.83 1.40 -9.01
N ASP A 443 14.85 1.02 -9.77
CA ASP A 443 15.40 1.86 -10.81
C ASP A 443 14.31 2.14 -11.85
N VAL A 444 13.55 1.13 -12.23
CA VAL A 444 12.43 1.34 -13.15
C VAL A 444 11.42 2.33 -12.57
N LEU A 445 11.04 2.15 -11.30
CA LEU A 445 10.05 3.04 -10.68
C LEU A 445 10.51 4.50 -10.72
N THR A 446 11.79 4.74 -10.44
CA THR A 446 12.30 6.12 -10.46
C THR A 446 12.07 6.81 -11.83
N GLY A 447 12.39 6.09 -12.90
CA GLY A 447 12.10 6.54 -14.23
C GLY A 447 10.64 6.78 -14.50
N MET A 448 9.76 5.90 -14.03
CA MET A 448 8.34 6.08 -14.24
C MET A 448 7.85 7.38 -13.60
N ILE A 449 8.28 7.64 -12.38
CA ILE A 449 7.87 8.84 -11.65
C ILE A 449 8.35 10.11 -12.37
N ALA A 450 9.65 10.15 -12.72
CA ALA A 450 10.19 11.31 -13.46
C ALA A 450 9.42 11.53 -14.74
N GLY A 451 9.15 10.44 -15.43
CA GLY A 451 8.41 10.49 -16.71
C GLY A 451 7.03 11.16 -16.54
N PHE A 452 6.29 10.75 -15.53
CA PHE A 452 4.96 11.26 -15.35
C PHE A 452 5.00 12.73 -14.95
N ILE A 453 6.01 13.09 -14.16
CA ILE A 453 6.21 14.50 -13.83
C ILE A 453 6.50 15.34 -15.09
N ALA A 454 7.35 14.83 -15.95
CA ALA A 454 7.66 15.48 -17.18
C ALA A 454 6.41 15.66 -18.06
N GLN A 455 5.48 14.71 -17.99
CA GLN A 455 4.22 14.80 -18.76
C GLN A 455 3.19 15.78 -18.14
N GLY A 456 3.45 16.29 -16.95
CA GLY A 456 2.59 17.31 -16.39
C GLY A 456 1.91 16.89 -15.10
N LEU A 457 2.13 15.68 -14.59
CA LEU A 457 1.53 15.33 -13.30
C LEU A 457 2.32 16.02 -12.20
N SER A 458 1.63 16.42 -11.14
CA SER A 458 2.27 16.91 -9.92
C SER A 458 3.13 15.76 -9.35
N PRO A 459 4.16 16.10 -8.53
CA PRO A 459 4.97 15.02 -7.87
C PRO A 459 4.11 13.95 -7.13
N LEU A 460 3.05 14.39 -6.46
CA LEU A 460 2.20 13.45 -5.74
C LEU A 460 1.42 12.55 -6.72
N GLU A 461 0.86 13.15 -7.77
CA GLU A 461 0.08 12.40 -8.76
C GLU A 461 1.00 11.44 -9.50
N ALA A 462 2.17 11.91 -9.91
CA ALA A 462 3.12 11.10 -10.69
C ALA A 462 3.51 9.88 -9.88
N SER A 463 3.69 10.10 -8.57
CA SER A 463 4.10 9.05 -7.64
C SER A 463 2.99 7.99 -7.47
N THR A 464 1.78 8.48 -7.31
CA THR A 464 0.61 7.63 -7.13
C THR A 464 0.39 6.71 -8.31
N VAL A 465 0.41 7.29 -9.50
CA VAL A 465 0.19 6.51 -10.74
C VAL A 465 1.31 5.52 -10.96
N SER A 466 2.55 5.93 -10.67
CA SER A 466 3.71 5.11 -10.97
C SER A 466 3.77 3.89 -10.08
N VAL A 467 3.53 4.06 -8.74
CA VAL A 467 3.64 2.93 -7.85
C VAL A 467 2.57 1.92 -8.22
N TYR A 468 1.36 2.39 -8.55
CA TYR A 468 0.28 1.44 -8.94
C TYR A 468 0.63 0.64 -10.20
N LEU A 469 0.96 1.36 -11.26
CA LEU A 469 1.28 0.76 -12.55
C LEU A 469 2.50 -0.17 -12.51
N HIS A 470 3.51 0.18 -11.73
CA HIS A 470 4.76 -0.64 -11.55
C HIS A 470 4.38 -1.95 -10.91
N GLY A 471 3.51 -1.90 -9.91
CA GLY A 471 3.06 -3.15 -9.29
C GLY A 471 2.11 -3.96 -10.20
N PHE A 472 1.19 -3.28 -10.85
CA PHE A 472 0.27 -3.98 -11.73
C PHE A 472 1.02 -4.66 -12.91
N ALA A 473 2.02 -3.99 -13.47
CA ALA A 473 2.84 -4.58 -14.54
C ALA A 473 3.46 -5.91 -14.05
N ALA A 474 3.99 -5.94 -12.83
CA ALA A 474 4.57 -7.15 -12.24
C ALA A 474 3.55 -8.28 -12.21
N GLU A 475 2.30 -7.96 -11.92
CA GLU A 475 1.27 -8.95 -11.82
C GLU A 475 0.86 -9.48 -13.17
N LEU A 476 1.14 -8.75 -14.26
CA LEU A 476 0.83 -9.21 -15.60
C LEU A 476 1.87 -10.23 -16.14
N PHE A 477 2.99 -10.45 -15.46
CA PHE A 477 3.99 -11.41 -15.92
C PHE A 477 3.35 -12.79 -16.02
N GLU A 478 3.62 -13.49 -17.10
CA GLU A 478 2.88 -14.69 -17.47
C GLU A 478 3.42 -15.99 -16.78
N GLN A 479 4.66 -15.96 -16.29
CA GLN A 479 5.18 -17.16 -15.71
C GLN A 479 5.34 -16.93 -14.20
N ASP A 480 6.10 -17.77 -13.51
CA ASP A 480 6.14 -17.62 -12.05
C ASP A 480 6.82 -16.31 -11.66
N GLU A 481 6.22 -15.62 -10.71
CA GLU A 481 6.65 -14.25 -10.36
C GLU A 481 8.10 -14.19 -9.92
N ARG A 482 8.62 -15.29 -9.37
CA ARG A 482 9.98 -15.18 -8.88
C ARG A 482 10.99 -15.04 -10.01
N GLY A 483 10.58 -15.34 -11.24
CA GLY A 483 11.43 -15.27 -12.35
C GLY A 483 11.35 -13.94 -13.02
N LEU A 484 10.50 -13.03 -12.53
CA LEU A 484 10.41 -11.69 -13.10
C LEU A 484 11.73 -10.94 -12.94
N THR A 485 12.14 -10.27 -13.99
CA THR A 485 13.26 -9.33 -13.93
C THR A 485 12.80 -7.98 -14.43
N ALA A 486 13.61 -6.95 -14.12
CA ALA A 486 13.28 -5.55 -14.46
C ALA A 486 13.09 -5.27 -15.94
N SER A 487 13.86 -5.99 -16.76
CA SER A 487 13.77 -5.95 -18.19
C SER A 487 12.40 -6.47 -18.69
N GLU A 488 11.88 -7.54 -18.06
CA GLU A 488 10.53 -7.97 -18.37
C GLU A 488 9.49 -6.99 -17.83
N LEU A 489 9.78 -6.39 -16.68
CA LEU A 489 8.81 -5.47 -16.11
C LEU A 489 8.57 -4.31 -17.12
N LEU A 490 9.66 -3.80 -17.68
CA LEU A 490 9.61 -2.74 -18.67
C LEU A 490 8.65 -3.03 -19.84
N ARG A 491 8.75 -4.26 -20.34
CA ARG A 491 7.95 -4.78 -21.46
C ARG A 491 6.48 -4.79 -21.10
N LEU A 492 6.19 -5.04 -19.84
CA LEU A 492 4.81 -5.13 -19.34
C LEU A 492 4.15 -3.78 -19.00
N ILE A 493 4.91 -2.72 -18.81
CA ILE A 493 4.30 -1.42 -18.48
C ILE A 493 3.19 -0.97 -19.47
N PRO A 494 3.45 -1.03 -20.79
CA PRO A 494 2.40 -0.57 -21.69
C PRO A 494 1.11 -1.42 -21.69
N GLU A 495 1.25 -2.72 -21.37
CA GLU A 495 0.12 -3.56 -21.14
C GLU A 495 -0.63 -3.11 -19.89
N ALA A 496 0.09 -2.83 -18.81
CA ALA A 496 -0.57 -2.32 -17.61
C ALA A 496 -1.34 -1.02 -17.95
N ILE A 497 -0.74 -0.12 -18.71
CA ILE A 497 -1.44 1.10 -19.10
C ILE A 497 -2.69 0.79 -19.91
N ARG A 498 -2.56 -0.10 -20.88
CA ARG A 498 -3.73 -0.49 -21.69
C ARG A 498 -4.81 -1.03 -20.81
N ARG A 499 -4.47 -1.97 -19.92
CA ARG A 499 -5.49 -2.59 -19.09
C ARG A 499 -6.15 -1.58 -18.16
N LEU A 500 -5.40 -0.57 -17.72
CA LEU A 500 -5.93 0.45 -16.83
C LEU A 500 -6.99 1.28 -17.51
N LYS A 501 -6.92 1.39 -18.85
CA LYS A 501 -7.88 2.25 -19.60
C LYS A 501 -9.23 1.61 -19.95
N ALA B 1 -23.14 -2.94 -9.26
CA ALA B 1 -22.88 -4.08 -8.39
C ALA B 1 -22.19 -3.68 -7.09
N ALA B 2 -22.05 -2.39 -6.85
CA ALA B 2 -21.31 -1.94 -5.70
C ALA B 2 -22.05 -1.22 -4.58
N TRP B 3 -23.37 -1.30 -4.51
CA TRP B 3 -24.03 -0.59 -3.43
C TRP B 3 -23.60 -1.13 -2.07
N LEU B 4 -23.51 -2.43 -1.93
CA LEU B 4 -23.18 -3.01 -0.63
C LEU B 4 -21.66 -3.16 -0.35
N PHE B 5 -20.91 -3.61 -1.36
CA PHE B 5 -19.51 -4.01 -1.16
C PHE B 5 -18.57 -3.27 -2.09
N GLU B 6 -17.49 -2.73 -1.53
CA GLU B 6 -16.23 -2.49 -2.28
C GLU B 6 -15.25 -3.68 -2.13
N ALA B 7 -14.70 -4.11 -3.26
CA ALA B 7 -13.55 -5.07 -3.30
C ALA B 7 -12.31 -4.34 -2.83
#